data_8I68
#
_entry.id   8I68
#
_cell.length_a   46.370
_cell.length_b   60.020
_cell.length_c   74.470
_cell.angle_alpha   90.00
_cell.angle_beta   90.00
_cell.angle_gamma   90.00
#
_symmetry.space_group_name_H-M   'P 21 21 21'
#
loop_
_entity.id
_entity.type
_entity.pdbx_description
1 polymer 'Uracil-DNA glycosylase'
2 non-polymer 'URIC ACID'
3 non-polymer 1,2-ETHANEDIOL
4 water water
#
_entity_poly.entity_id   1
_entity_poly.type   'polypeptide(L)'
_entity_poly.pdbx_seq_one_letter_code
;MHHHHHHGMASMTARPLSELVERGWAAALEPVADQVAHMGQFLRAEIAAGRRYLPAGSNVLRAFTFPFDNVRVLIVGQDP
YPTPGHAVGLSFSVAPDVRPWPRSLANIFDEYTADLGYPLPSNGDLTPWAQRGVLLLNRVLTVRPSNPASHRGKGWEAVT
ECAIRALAARAAPLVAILWGRDASTLKPMLAAGNCVAIESPHPSPLSASRGFFGSRPFSRANELLVGMGAEPIDWRLP
;
_entity_poly.pdbx_strand_id   A
#
loop_
_chem_comp.id
_chem_comp.type
_chem_comp.name
_chem_comp.formula
EDO non-polymer 1,2-ETHANEDIOL 'C2 H6 O2'
URC non-polymer 'URIC ACID' 'C5 H4 N4 O3'
#
# COMPACT_ATOMS: atom_id res chain seq x y z
N PRO A 16 17.47 -1.48 -14.29
CA PRO A 16 17.54 -2.94 -14.00
C PRO A 16 16.93 -3.32 -12.64
N LEU A 17 15.79 -4.01 -12.64
CA LEU A 17 14.91 -4.17 -11.45
C LEU A 17 15.74 -4.49 -10.22
N SER A 18 16.71 -5.41 -10.32
CA SER A 18 17.50 -5.90 -9.16
C SER A 18 18.27 -4.74 -8.50
N GLU A 19 18.53 -3.66 -9.23
CA GLU A 19 19.10 -2.36 -8.73
C GLU A 19 18.13 -1.66 -7.76
N LEU A 20 16.82 -1.75 -8.01
CA LEU A 20 15.80 -0.80 -7.49
C LEU A 20 14.96 -1.40 -6.36
N VAL A 21 14.75 -2.73 -6.37
CA VAL A 21 13.78 -3.42 -5.47
C VAL A 21 14.48 -4.60 -4.81
N GLU A 22 13.79 -5.26 -3.89
CA GLU A 22 14.35 -6.42 -3.15
C GLU A 22 14.40 -7.63 -4.10
N ARG A 23 15.34 -8.57 -3.85
CA ARG A 23 15.64 -9.77 -4.70
C ARG A 23 14.36 -10.48 -5.14
N GLY A 24 13.59 -10.95 -4.17
CA GLY A 24 12.28 -11.58 -4.41
C GLY A 24 11.41 -10.73 -5.32
N TRP A 25 11.27 -9.44 -5.01
CA TRP A 25 10.40 -8.50 -5.76
C TRP A 25 10.92 -8.38 -7.19
N ALA A 26 12.23 -8.36 -7.39
CA ALA A 26 12.84 -8.21 -8.75
C ALA A 26 12.46 -9.42 -9.62
N ALA A 27 12.50 -10.62 -9.07
CA ALA A 27 12.05 -11.87 -9.74
C ALA A 27 10.54 -11.83 -9.97
N ALA A 28 9.76 -11.57 -8.92
CA ALA A 28 8.27 -11.48 -9.00
C ALA A 28 7.84 -10.49 -10.08
N LEU A 29 8.54 -9.34 -10.23
CA LEU A 29 8.12 -8.26 -11.16
C LEU A 29 8.84 -8.37 -12.53
N GLU A 30 9.63 -9.42 -12.77
CA GLU A 30 10.32 -9.61 -14.08
C GLU A 30 9.34 -9.36 -15.22
N PRO A 31 8.12 -9.93 -15.21
CA PRO A 31 7.19 -9.74 -16.32
C PRO A 31 6.84 -8.29 -16.72
N VAL A 32 6.97 -7.33 -15.80
CA VAL A 32 6.61 -5.89 -16.01
C VAL A 32 7.88 -5.03 -15.93
N ALA A 33 9.04 -5.66 -16.05
CA ALA A 33 10.37 -5.00 -16.04
C ALA A 33 10.43 -3.86 -17.08
N ASP A 34 9.94 -4.07 -18.30
CA ASP A 34 9.93 -3.03 -19.39
C ASP A 34 8.97 -1.88 -19.04
N GLN A 35 7.80 -2.21 -18.51
CA GLN A 35 6.76 -1.23 -18.08
C GLN A 35 7.35 -0.39 -16.94
N VAL A 36 8.11 -0.98 -16.03
CA VAL A 36 8.81 -0.22 -14.96
C VAL A 36 9.81 0.74 -15.61
N ALA A 37 10.58 0.26 -16.58
CA ALA A 37 11.55 1.11 -17.33
C ALA A 37 10.81 2.26 -17.98
N HIS A 38 9.67 1.98 -18.59
CA HIS A 38 8.80 2.97 -19.28
C HIS A 38 8.36 4.05 -18.28
N MET A 39 7.91 3.67 -17.08
CA MET A 39 7.47 4.66 -16.06
C MET A 39 8.68 5.55 -15.75
N GLY A 40 9.86 4.95 -15.63
CA GLY A 40 11.13 5.70 -15.51
C GLY A 40 11.24 6.74 -16.59
N GLN A 41 10.96 6.40 -17.86
CA GLN A 41 11.05 7.38 -18.98
C GLN A 41 9.94 8.42 -18.85
N PHE A 42 8.74 8.00 -18.47
CA PHE A 42 7.61 8.90 -18.17
C PHE A 42 8.04 10.01 -17.18
N LEU A 43 8.62 9.63 -16.04
CA LEU A 43 8.95 10.62 -14.98
C LEU A 43 10.05 11.57 -15.49
N ARG A 44 11.05 11.06 -16.19
CA ARG A 44 12.06 11.92 -16.86
C ARG A 44 11.36 12.90 -17.80
N ALA A 45 10.37 12.44 -18.56
CA ALA A 45 9.65 13.30 -19.52
C ALA A 45 8.89 14.38 -18.76
N GLU A 46 8.33 14.05 -17.60
CA GLU A 46 7.56 15.02 -16.80
C GLU A 46 8.51 16.16 -16.40
N ILE A 47 9.68 15.84 -15.86
CA ILE A 47 10.65 16.89 -15.46
C ILE A 47 11.03 17.74 -16.69
N ALA A 48 11.33 17.08 -17.80
CA ALA A 48 11.67 17.74 -19.08
C ALA A 48 10.54 18.68 -19.47
N ALA A 49 9.30 18.24 -19.27
CA ALA A 49 8.08 18.99 -19.64
C ALA A 49 7.79 20.10 -18.62
N GLY A 50 8.49 20.14 -17.50
CA GLY A 50 8.32 21.17 -16.45
C GLY A 50 7.21 20.83 -15.46
N ARG A 51 6.83 19.56 -15.33
CA ARG A 51 5.90 19.11 -14.25
C ARG A 51 6.69 18.34 -13.19
N ARG A 52 6.21 18.37 -11.97
CA ARG A 52 6.88 17.73 -10.83
C ARG A 52 6.17 16.40 -10.60
N TYR A 53 6.77 15.51 -9.81
CA TYR A 53 6.08 14.28 -9.35
C TYR A 53 6.50 14.00 -7.91
N LEU A 54 5.62 13.31 -7.19
CA LEU A 54 5.86 12.75 -5.83
C LEU A 54 5.50 11.27 -5.90
N PRO A 55 6.08 10.41 -5.02
CA PRO A 55 7.10 10.84 -4.06
C PRO A 55 8.44 11.06 -4.77
N ALA A 56 9.51 11.30 -4.00
CA ALA A 56 10.90 11.35 -4.48
C ALA A 56 11.20 10.09 -5.29
N GLY A 57 11.96 10.22 -6.39
CA GLY A 57 12.34 9.10 -7.25
C GLY A 57 12.81 7.92 -6.43
N SER A 58 13.59 8.15 -5.38
CA SER A 58 14.21 7.04 -4.60
C SER A 58 13.17 6.35 -3.70
N ASN A 59 11.97 6.90 -3.56
CA ASN A 59 10.90 6.34 -2.71
C ASN A 59 9.79 5.71 -3.56
N VAL A 60 9.79 5.91 -4.88
CA VAL A 60 8.65 5.49 -5.75
C VAL A 60 8.39 3.99 -5.57
N LEU A 61 9.44 3.16 -5.60
CA LEU A 61 9.28 1.68 -5.50
C LEU A 61 9.55 1.21 -4.07
N ARG A 62 9.40 2.10 -3.08
CA ARG A 62 9.81 1.81 -1.69
C ARG A 62 9.06 0.58 -1.16
N ALA A 63 7.79 0.39 -1.51
CA ALA A 63 6.98 -0.77 -1.07
C ALA A 63 7.68 -2.08 -1.44
N PHE A 64 8.40 -2.10 -2.56
CA PHE A 64 9.06 -3.33 -3.10
C PHE A 64 10.50 -3.48 -2.57
N THR A 65 10.94 -2.68 -1.61
CA THR A 65 12.29 -2.81 -0.99
C THR A 65 12.20 -3.68 0.28
N PHE A 66 11.02 -4.18 0.65
CA PHE A 66 10.86 -5.13 1.77
C PHE A 66 10.61 -6.51 1.17
N PRO A 67 11.13 -7.59 1.83
CA PRO A 67 11.12 -8.93 1.26
C PRO A 67 9.77 -9.47 0.71
N PHE A 68 9.71 -9.71 -0.59
CA PHE A 68 8.55 -10.33 -1.29
C PHE A 68 8.04 -11.57 -0.54
N ASP A 69 8.96 -12.43 -0.07
CA ASP A 69 8.66 -13.76 0.52
C ASP A 69 7.98 -13.57 1.88
N ASN A 70 8.24 -12.46 2.57
CA ASN A 70 7.80 -12.22 3.97
C ASN A 70 6.40 -11.56 3.99
N VAL A 71 5.88 -11.10 2.86
CA VAL A 71 4.61 -10.31 2.85
C VAL A 71 3.50 -11.25 3.29
N ARG A 72 2.74 -10.89 4.33
CA ARG A 72 1.57 -11.65 4.81
C ARG A 72 0.28 -10.85 4.71
N VAL A 73 0.38 -9.50 4.67
CA VAL A 73 -0.79 -8.60 4.47
C VAL A 73 -0.52 -7.59 3.34
N LEU A 74 -1.53 -7.34 2.53
CA LEU A 74 -1.54 -6.30 1.50
C LEU A 74 -2.57 -5.25 1.86
N ILE A 75 -2.12 -4.02 1.98
CA ILE A 75 -3.04 -2.86 2.12
C ILE A 75 -2.98 -2.09 0.81
N VAL A 76 -4.11 -1.93 0.17
CA VAL A 76 -4.16 -1.27 -1.16
C VAL A 76 -4.75 0.12 -0.99
N GLY A 77 -4.02 1.14 -1.44
CA GLY A 77 -4.49 2.51 -1.69
C GLY A 77 -4.60 2.82 -3.18
N GLN A 78 -5.05 4.01 -3.54
CA GLN A 78 -5.25 4.35 -4.96
C GLN A 78 -4.04 5.11 -5.48
N ASP A 79 -3.77 6.30 -4.96
CA ASP A 79 -2.72 7.22 -5.46
C ASP A 79 -1.95 7.78 -4.28
N PRO A 80 -0.68 8.21 -4.45
CA PRO A 80 0.03 8.84 -3.37
C PRO A 80 -0.64 10.16 -2.95
N TYR A 81 -0.36 10.59 -1.72
CA TYR A 81 -0.79 11.91 -1.19
C TYR A 81 -0.34 13.00 -2.17
N PRO A 82 -1.22 13.92 -2.61
CA PRO A 82 -0.85 14.96 -3.57
C PRO A 82 -0.18 16.18 -2.94
N THR A 83 -0.26 16.30 -1.62
CA THR A 83 0.37 17.41 -0.87
C THR A 83 1.89 17.24 -0.84
N PRO A 84 2.65 18.26 -1.28
CA PRO A 84 4.11 18.25 -1.12
C PRO A 84 4.55 17.84 0.29
N GLY A 85 5.43 16.85 0.40
CA GLY A 85 6.04 16.41 1.67
C GLY A 85 5.29 15.29 2.38
N HIS A 86 4.14 14.83 1.88
CA HIS A 86 3.37 13.71 2.49
C HIS A 86 3.82 12.35 1.93
N ALA A 87 3.75 12.15 0.62
CA ALA A 87 4.03 10.87 -0.09
C ALA A 87 5.47 10.42 0.21
N VAL A 88 5.64 9.19 0.70
CA VAL A 88 6.99 8.61 0.99
C VAL A 88 7.11 7.19 0.41
N GLY A 89 6.16 6.76 -0.45
CA GLY A 89 6.29 5.52 -1.25
C GLY A 89 5.79 4.29 -0.51
N LEU A 90 5.20 4.50 0.66
CA LEU A 90 4.37 3.49 1.36
C LEU A 90 2.98 4.07 1.44
N SER A 91 2.00 3.35 0.94
CA SER A 91 0.58 3.81 0.96
C SER A 91 0.22 4.28 2.38
N PHE A 92 -0.32 5.51 2.46
CA PHE A 92 -0.89 6.13 3.67
C PHE A 92 0.20 6.66 4.61
N SER A 93 1.43 6.19 4.51
CA SER A 93 2.51 6.59 5.43
C SER A 93 2.91 8.05 5.17
N VAL A 94 3.47 8.71 6.16
CA VAL A 94 4.15 10.02 5.98
C VAL A 94 5.47 9.96 6.75
N ALA A 95 6.38 10.89 6.48
CA ALA A 95 7.69 10.96 7.13
C ALA A 95 7.48 11.31 8.61
N PRO A 96 8.43 10.90 9.50
CA PRO A 96 8.28 11.08 10.94
C PRO A 96 8.01 12.52 11.42
N ASP A 97 8.49 13.52 10.69
CA ASP A 97 8.34 14.93 11.11
C ASP A 97 7.08 15.53 10.48
N VAL A 98 6.25 14.75 9.79
CA VAL A 98 5.01 15.34 9.21
C VAL A 98 3.92 15.46 10.29
N ARG A 99 3.41 16.67 10.52
N ARG A 99 3.34 16.65 10.41
CA ARG A 99 2.27 16.96 11.44
CA ARG A 99 2.34 17.04 11.46
C ARG A 99 1.56 18.24 10.99
C ARG A 99 1.57 18.28 10.98
N PRO A 100 0.21 18.31 11.03
CA PRO A 100 -0.62 17.18 11.45
C PRO A 100 -0.67 16.04 10.43
N TRP A 101 -1.22 14.88 10.81
CA TRP A 101 -1.37 13.76 9.85
C TRP A 101 -2.42 14.10 8.79
N PRO A 102 -2.29 13.63 7.53
CA PRO A 102 -3.41 13.73 6.60
C PRO A 102 -4.64 13.05 7.22
N ARG A 103 -5.83 13.48 6.76
CA ARG A 103 -7.17 13.00 7.21
C ARG A 103 -7.27 11.46 7.17
N SER A 104 -6.87 10.84 6.06
N SER A 104 -6.86 10.84 6.06
CA SER A 104 -6.96 9.38 5.88
CA SER A 104 -6.96 9.36 5.87
C SER A 104 -6.15 8.68 6.97
C SER A 104 -6.15 8.68 6.98
N LEU A 105 -4.98 9.21 7.30
CA LEU A 105 -4.07 8.52 8.24
C LEU A 105 -4.58 8.70 9.68
N ALA A 106 -5.01 9.90 10.06
CA ALA A 106 -5.73 10.14 11.34
C ALA A 106 -6.86 9.11 11.45
N ASN A 107 -7.64 8.89 10.38
CA ASN A 107 -8.80 7.98 10.40
C ASN A 107 -8.27 6.55 10.63
N ILE A 108 -7.25 6.15 9.88
CA ILE A 108 -6.58 4.84 10.07
C ILE A 108 -6.16 4.70 11.54
N PHE A 109 -5.52 5.71 12.11
CA PHE A 109 -4.98 5.63 13.49
C PHE A 109 -6.13 5.59 14.50
N ASP A 110 -7.26 6.19 14.17
CA ASP A 110 -8.40 6.11 15.09
C ASP A 110 -8.85 4.65 15.14
N GLU A 111 -8.90 3.98 13.98
CA GLU A 111 -9.32 2.56 13.89
C GLU A 111 -8.27 1.68 14.59
N TYR A 112 -6.99 1.96 14.38
CA TYR A 112 -5.85 1.31 15.09
C TYR A 112 -6.12 1.28 16.60
N THR A 113 -6.34 2.46 17.22
CA THR A 113 -6.52 2.54 18.69
C THR A 113 -7.80 1.79 19.11
N ALA A 114 -8.88 1.93 18.34
CA ALA A 114 -10.21 1.34 18.67
C ALA A 114 -10.15 -0.19 18.52
N ASP A 115 -9.57 -0.70 17.44
CA ASP A 115 -9.52 -2.14 17.12
C ASP A 115 -8.58 -2.86 18.09
N LEU A 116 -7.39 -2.31 18.27
CA LEU A 116 -6.24 -2.99 18.93
C LEU A 116 -6.11 -2.59 20.40
N GLY A 117 -6.62 -1.41 20.78
CA GLY A 117 -6.54 -0.85 22.16
C GLY A 117 -5.21 -0.15 22.45
N TYR A 118 -4.30 -0.04 21.46
CA TYR A 118 -2.97 0.62 21.60
C TYR A 118 -3.17 2.13 21.69
N PRO A 119 -2.23 2.89 22.27
CA PRO A 119 -2.32 4.35 22.23
C PRO A 119 -2.03 4.94 20.85
N LEU A 120 -2.49 6.17 20.61
CA LEU A 120 -2.19 6.94 19.38
C LEU A 120 -0.69 6.83 19.11
N PRO A 121 -0.31 6.44 17.87
CA PRO A 121 1.09 6.46 17.44
C PRO A 121 1.73 7.82 17.68
N SER A 122 3.05 7.82 17.91
CA SER A 122 3.87 9.04 18.10
C SER A 122 4.01 9.81 16.79
N ASN A 123 4.05 9.14 15.64
CA ASN A 123 4.12 9.86 14.34
C ASN A 123 3.47 8.99 13.27
N GLY A 124 3.47 9.43 12.01
CA GLY A 124 2.75 8.76 10.91
C GLY A 124 3.60 7.86 10.03
N ASP A 125 4.80 7.50 10.49
CA ASP A 125 5.75 6.59 9.80
C ASP A 125 5.29 5.14 9.98
N LEU A 126 4.86 4.49 8.90
CA LEU A 126 4.33 3.10 8.89
C LEU A 126 5.43 2.10 8.52
N THR A 127 6.65 2.58 8.36
CA THR A 127 7.86 1.74 8.13
C THR A 127 7.82 0.46 8.96
N PRO A 128 7.47 0.46 10.25
CA PRO A 128 7.47 -0.79 11.02
C PRO A 128 6.52 -1.88 10.48
N TRP A 129 5.35 -1.47 10.00
CA TRP A 129 4.42 -2.37 9.27
C TRP A 129 5.13 -2.98 8.05
N ALA A 130 5.81 -2.16 7.25
CA ALA A 130 6.53 -2.64 6.05
C ALA A 130 7.59 -3.66 6.50
N GLN A 131 8.35 -3.36 7.54
CA GLN A 131 9.42 -4.28 8.03
C GLN A 131 8.82 -5.63 8.42
N ARG A 132 7.57 -5.63 8.89
CA ARG A 132 6.94 -6.84 9.48
C ARG A 132 6.07 -7.60 8.47
N GLY A 133 6.03 -7.20 7.19
CA GLY A 133 5.39 -8.05 6.16
C GLY A 133 4.04 -7.50 5.71
N VAL A 134 3.81 -6.23 5.99
CA VAL A 134 2.66 -5.49 5.43
C VAL A 134 3.14 -4.77 4.16
N LEU A 135 2.58 -5.16 3.02
CA LEU A 135 2.84 -4.45 1.75
C LEU A 135 1.88 -3.26 1.66
N LEU A 136 2.41 -2.05 1.80
CA LEU A 136 1.60 -0.81 1.70
C LEU A 136 1.66 -0.33 0.24
N LEU A 137 0.78 -0.86 -0.59
CA LEU A 137 0.85 -0.65 -2.05
C LEU A 137 -0.23 0.34 -2.51
N ASN A 138 0.16 1.40 -3.22
CA ASN A 138 -0.78 2.21 -4.04
C ASN A 138 -0.88 1.64 -5.45
N ARG A 139 -2.09 1.59 -6.02
CA ARG A 139 -2.31 1.11 -7.42
C ARG A 139 -1.50 1.95 -8.40
N VAL A 140 -1.43 3.26 -8.15
CA VAL A 140 -0.66 4.26 -8.93
C VAL A 140 0.42 4.81 -8.00
N LEU A 141 1.67 4.81 -8.45
CA LEU A 141 2.83 4.98 -7.55
C LEU A 141 3.40 6.40 -7.63
N THR A 142 2.84 7.27 -8.49
CA THR A 142 3.28 8.69 -8.54
C THR A 142 2.07 9.61 -8.73
N VAL A 143 2.25 10.88 -8.45
CA VAL A 143 1.19 11.91 -8.60
C VAL A 143 1.89 13.22 -8.86
N ARG A 144 1.25 14.08 -9.64
CA ARG A 144 1.66 15.49 -9.76
C ARG A 144 1.24 16.24 -8.50
N PRO A 145 2.16 16.98 -7.85
CA PRO A 145 1.86 17.70 -6.61
C PRO A 145 0.64 18.58 -6.82
N SER A 146 -0.24 18.63 -5.82
CA SER A 146 -1.45 19.48 -5.74
C SER A 146 -2.48 19.07 -6.80
N ASN A 147 -2.30 17.95 -7.50
CA ASN A 147 -3.26 17.46 -8.54
C ASN A 147 -3.60 16.00 -8.26
N PRO A 148 -4.57 15.77 -7.35
CA PRO A 148 -4.92 14.42 -6.93
C PRO A 148 -5.16 13.52 -8.15
N ALA A 149 -4.62 12.31 -8.14
CA ALA A 149 -4.92 11.22 -9.10
C ALA A 149 -4.52 11.61 -10.52
N SER A 150 -3.59 12.55 -10.66
CA SER A 150 -3.08 13.08 -11.96
C SER A 150 -2.34 12.02 -12.78
N HIS A 151 -1.85 10.92 -12.17
CA HIS A 151 -1.00 9.94 -12.91
C HIS A 151 -1.77 8.63 -13.13
N ARG A 152 -3.08 8.62 -12.94
CA ARG A 152 -3.93 7.49 -13.44
C ARG A 152 -3.71 7.32 -14.96
N GLY A 153 -3.59 6.08 -15.39
CA GLY A 153 -3.55 5.73 -16.81
C GLY A 153 -2.20 6.01 -17.42
N LYS A 154 -1.16 6.24 -16.64
CA LYS A 154 0.19 6.55 -17.21
C LYS A 154 1.02 5.28 -17.30
N GLY A 155 0.48 4.16 -16.82
CA GLY A 155 1.13 2.83 -16.93
C GLY A 155 1.44 2.19 -15.60
N TRP A 156 1.16 2.82 -14.46
CA TRP A 156 1.44 2.18 -13.14
C TRP A 156 0.50 1.00 -12.90
N GLU A 157 -0.74 1.06 -13.38
CA GLU A 157 -1.80 0.08 -13.07
C GLU A 157 -1.31 -1.32 -13.45
N ALA A 158 -0.62 -1.48 -14.58
CA ALA A 158 -0.20 -2.82 -15.07
C ALA A 158 0.84 -3.36 -14.08
N VAL A 159 1.71 -2.46 -13.61
CA VAL A 159 2.85 -2.81 -12.71
C VAL A 159 2.28 -3.35 -11.39
N THR A 160 1.39 -2.61 -10.75
CA THR A 160 0.87 -2.95 -9.40
C THR A 160 -0.08 -4.16 -9.54
N GLU A 161 -0.76 -4.28 -10.66
CA GLU A 161 -1.62 -5.45 -10.94
C GLU A 161 -0.74 -6.71 -10.93
N CYS A 162 0.39 -6.67 -11.65
CA CYS A 162 1.37 -7.79 -11.71
C CYS A 162 1.90 -8.08 -10.31
N ALA A 163 2.24 -7.05 -9.55
CA ALA A 163 2.78 -7.21 -8.19
C ALA A 163 1.76 -8.01 -7.39
N ILE A 164 0.50 -7.60 -7.46
CA ILE A 164 -0.61 -8.25 -6.69
C ILE A 164 -0.80 -9.66 -7.21
N ARG A 165 -0.85 -9.82 -8.54
CA ARG A 165 -0.93 -11.16 -9.18
C ARG A 165 0.18 -12.07 -8.63
N ALA A 166 1.45 -11.65 -8.69
CA ALA A 166 2.64 -12.40 -8.21
C ALA A 166 2.45 -12.81 -6.75
N LEU A 167 2.09 -11.84 -5.91
CA LEU A 167 1.90 -12.04 -4.46
C LEU A 167 0.83 -13.11 -4.21
N ALA A 168 -0.31 -13.03 -4.89
CA ALA A 168 -1.46 -13.97 -4.76
C ALA A 168 -1.03 -15.38 -5.17
N ALA A 169 -0.03 -15.51 -6.05
CA ALA A 169 0.34 -16.82 -6.64
C ALA A 169 1.28 -17.60 -5.68
N ARG A 170 1.88 -16.93 -4.70
CA ARG A 170 2.73 -17.61 -3.70
C ARG A 170 1.89 -18.68 -3.00
N ALA A 171 2.51 -19.83 -2.72
CA ALA A 171 1.96 -20.86 -1.79
C ALA A 171 2.24 -20.37 -0.37
N ALA A 172 1.51 -19.36 0.06
CA ALA A 172 1.80 -18.64 1.32
C ALA A 172 0.56 -17.85 1.68
N PRO A 173 0.27 -17.72 2.98
CA PRO A 173 -0.90 -16.98 3.45
C PRO A 173 -0.81 -15.49 3.06
N LEU A 174 -1.95 -14.90 2.71
CA LEU A 174 -2.05 -13.47 2.40
C LEU A 174 -3.43 -12.99 2.83
N VAL A 175 -3.51 -11.87 3.54
CA VAL A 175 -4.79 -11.17 3.81
C VAL A 175 -4.72 -9.85 3.03
N ALA A 176 -5.74 -9.55 2.24
CA ALA A 176 -5.83 -8.24 1.54
C ALA A 176 -6.83 -7.33 2.27
N ILE A 177 -6.40 -6.08 2.52
CA ILE A 177 -7.25 -4.96 3.01
C ILE A 177 -7.33 -3.95 1.85
N LEU A 178 -8.54 -3.68 1.35
CA LEU A 178 -8.78 -2.78 0.20
C LEU A 178 -9.32 -1.45 0.74
N TRP A 179 -8.44 -0.44 0.82
CA TRP A 179 -8.72 0.94 1.28
C TRP A 179 -8.79 1.92 0.11
N GLY A 180 -8.77 1.45 -1.13
CA GLY A 180 -8.78 2.30 -2.35
C GLY A 180 -10.07 2.19 -3.16
N ARG A 181 -11.07 1.41 -2.75
CA ARG A 181 -12.41 1.31 -3.40
C ARG A 181 -12.39 0.63 -4.77
N ASP A 182 -11.27 0.06 -5.21
CA ASP A 182 -11.24 -0.54 -6.56
C ASP A 182 -11.56 -2.04 -6.42
N ALA A 183 -12.51 -2.40 -5.55
CA ALA A 183 -12.79 -3.79 -5.12
C ALA A 183 -12.99 -4.71 -6.33
N SER A 184 -13.99 -4.45 -7.19
CA SER A 184 -14.30 -5.28 -8.39
C SER A 184 -13.12 -5.33 -9.39
N THR A 185 -12.15 -4.39 -9.29
CA THR A 185 -10.87 -4.37 -10.07
C THR A 185 -9.87 -5.37 -9.50
N LEU A 186 -9.84 -5.50 -8.18
CA LEU A 186 -8.74 -6.18 -7.44
C LEU A 186 -9.20 -7.50 -6.85
N LYS A 187 -10.48 -7.61 -6.46
CA LYS A 187 -11.05 -8.85 -5.89
C LYS A 187 -10.70 -10.01 -6.81
N PRO A 188 -10.86 -9.88 -8.15
CA PRO A 188 -10.53 -10.97 -9.08
C PRO A 188 -9.10 -11.50 -8.88
N MET A 189 -8.04 -10.74 -9.22
CA MET A 189 -6.63 -11.22 -9.08
C MET A 189 -6.48 -11.99 -7.77
N LEU A 190 -6.87 -11.37 -6.65
CA LEU A 190 -6.62 -11.89 -5.28
C LEU A 190 -7.38 -13.22 -5.09
N ALA A 191 -8.71 -13.21 -5.25
CA ALA A 191 -9.60 -14.38 -5.08
C ALA A 191 -9.01 -15.60 -5.83
N ALA A 192 -8.25 -15.36 -6.91
CA ALA A 192 -7.61 -16.38 -7.78
C ALA A 192 -6.28 -16.91 -7.22
N GLY A 193 -5.89 -16.59 -5.97
CA GLY A 193 -4.69 -17.15 -5.30
C GLY A 193 -5.04 -18.30 -4.37
N ASN A 194 -4.04 -19.07 -3.90
CA ASN A 194 -4.24 -20.33 -3.14
C ASN A 194 -4.74 -20.02 -1.72
N CYS A 195 -4.03 -19.19 -0.95
CA CYS A 195 -4.29 -18.97 0.49
C CYS A 195 -4.54 -17.47 0.76
N VAL A 196 -5.39 -16.83 -0.06
CA VAL A 196 -5.71 -15.37 0.03
C VAL A 196 -7.12 -15.18 0.61
N ALA A 197 -7.19 -14.48 1.74
CA ALA A 197 -8.44 -13.97 2.34
C ALA A 197 -8.54 -12.46 2.06
N ILE A 198 -9.69 -12.04 1.55
CA ILE A 198 -9.97 -10.60 1.27
C ILE A 198 -10.91 -10.11 2.37
N GLU A 199 -10.49 -9.08 3.10
CA GLU A 199 -11.39 -8.37 4.02
C GLU A 199 -12.45 -7.62 3.21
N SER A 200 -13.72 -8.00 3.39
N SER A 200 -13.71 -8.02 3.38
CA SER A 200 -14.91 -7.29 2.88
CA SER A 200 -14.93 -7.32 2.88
C SER A 200 -15.77 -6.90 4.08
C SER A 200 -15.76 -6.90 4.08
N PRO A 201 -16.60 -5.84 3.97
CA PRO A 201 -16.62 -4.96 2.79
C PRO A 201 -15.37 -4.05 2.70
N HIS A 202 -15.42 -3.06 1.79
CA HIS A 202 -14.23 -2.27 1.37
C HIS A 202 -14.43 -0.78 1.67
N PRO A 203 -14.77 -0.41 2.94
CA PRO A 203 -14.84 1.00 3.30
C PRO A 203 -13.42 1.59 3.23
N SER A 204 -13.32 2.84 2.79
CA SER A 204 -12.04 3.59 2.73
C SER A 204 -11.94 4.48 3.98
N PRO A 205 -10.72 4.83 4.44
CA PRO A 205 -10.53 5.66 5.63
C PRO A 205 -11.39 6.93 5.65
N LEU A 206 -11.61 7.58 4.51
CA LEU A 206 -12.41 8.83 4.45
C LEU A 206 -13.92 8.55 4.58
N SER A 207 -14.39 7.30 4.45
CA SER A 207 -15.81 6.97 4.68
C SER A 207 -16.08 7.00 6.19
N ALA A 208 -15.02 6.93 7.00
CA ALA A 208 -15.03 7.24 8.44
C ALA A 208 -16.17 6.46 9.09
N SER A 209 -17.17 7.13 9.67
CA SER A 209 -18.15 6.50 10.57
C SER A 209 -19.28 5.85 9.75
N ARG A 210 -19.21 5.94 8.42
N ARG A 210 -19.21 5.98 8.43
CA ARG A 210 -20.21 5.36 7.48
CA ARG A 210 -20.17 5.38 7.47
C ARG A 210 -19.79 3.95 7.05
C ARG A 210 -19.46 4.16 6.85
N GLY A 211 -18.79 3.37 7.70
CA GLY A 211 -18.33 2.00 7.39
C GLY A 211 -16.91 1.73 7.85
N PHE A 212 -16.03 2.72 7.88
CA PHE A 212 -14.59 2.45 8.10
C PHE A 212 -14.34 2.15 9.59
N PHE A 213 -14.85 3.01 10.47
CA PHE A 213 -14.61 2.85 11.92
C PHE A 213 -15.40 1.61 12.35
N GLY A 214 -14.77 0.73 13.14
CA GLY A 214 -15.37 -0.54 13.56
C GLY A 214 -15.17 -1.66 12.53
N SER A 215 -14.48 -1.42 11.41
CA SER A 215 -14.23 -2.43 10.37
C SER A 215 -13.23 -3.45 10.89
N ARG A 216 -12.49 -3.09 11.96
CA ARG A 216 -11.49 -3.92 12.68
CA ARG A 216 -11.58 -4.03 12.66
C ARG A 216 -10.57 -4.63 11.68
N PRO A 217 -9.90 -3.87 10.79
CA PRO A 217 -9.08 -4.49 9.75
C PRO A 217 -7.86 -5.24 10.30
N PHE A 218 -7.31 -4.72 11.40
CA PHE A 218 -6.04 -5.21 11.98
C PHE A 218 -6.25 -6.54 12.71
N SER A 219 -7.21 -6.56 13.62
CA SER A 219 -7.47 -7.75 14.45
C SER A 219 -8.02 -8.85 13.54
N ARG A 220 -8.82 -8.49 12.53
CA ARG A 220 -9.43 -9.47 11.60
C ARG A 220 -8.35 -10.07 10.67
N ALA A 221 -7.40 -9.27 10.21
CA ALA A 221 -6.20 -9.77 9.47
C ALA A 221 -5.47 -10.81 10.31
N ASN A 222 -5.27 -10.57 11.61
CA ASN A 222 -4.55 -11.51 12.49
C ASN A 222 -5.37 -12.79 12.73
N GLU A 223 -6.68 -12.66 12.90
CA GLU A 223 -7.59 -13.83 13.06
C GLU A 223 -7.45 -14.68 11.81
N LEU A 224 -7.44 -14.08 10.63
CA LEU A 224 -7.37 -14.77 9.32
C LEU A 224 -6.00 -15.43 9.11
N LEU A 225 -4.90 -14.75 9.47
CA LEU A 225 -3.52 -15.30 9.33
C LEU A 225 -3.38 -16.55 10.23
N VAL A 226 -3.75 -16.45 11.51
CA VAL A 226 -3.67 -17.57 12.48
C VAL A 226 -4.54 -18.73 11.97
N GLY A 227 -5.75 -18.45 11.47
CA GLY A 227 -6.64 -19.42 10.81
C GLY A 227 -6.01 -20.11 9.60
N MET A 228 -5.02 -19.49 8.95
CA MET A 228 -4.33 -20.09 7.78
C MET A 228 -2.95 -20.63 8.21
N GLY A 229 -2.71 -20.75 9.52
CA GLY A 229 -1.46 -21.30 10.10
C GLY A 229 -0.27 -20.35 9.99
N ALA A 230 -0.50 -19.03 9.87
CA ALA A 230 0.59 -18.02 9.79
C ALA A 230 0.63 -17.26 11.12
N GLU A 231 1.79 -16.67 11.39
CA GLU A 231 1.98 -15.78 12.55
C GLU A 231 1.22 -14.48 12.29
N PRO A 232 0.60 -13.89 13.34
CA PRO A 232 -0.04 -12.58 13.21
C PRO A 232 1.03 -11.52 12.95
N ILE A 233 0.58 -10.36 12.47
CA ILE A 233 1.39 -9.13 12.42
C ILE A 233 1.39 -8.50 13.81
N ASP A 234 2.55 -8.05 14.27
CA ASP A 234 2.62 -7.13 15.42
C ASP A 234 2.34 -5.73 14.87
N TRP A 235 1.15 -5.20 15.12
CA TRP A 235 0.74 -3.92 14.49
C TRP A 235 1.30 -2.74 15.27
N ARG A 236 1.86 -2.97 16.47
CA ARG A 236 2.23 -1.93 17.46
C ARG A 236 3.24 -0.96 16.84
N LEU A 237 2.89 0.31 16.72
CA LEU A 237 3.81 1.38 16.27
C LEU A 237 4.38 2.08 17.48
N PRO A 238 5.56 2.71 17.39
CA PRO A 238 6.10 3.52 18.51
C PRO A 238 5.28 4.81 18.74
N1 URC B . -6.36 7.86 0.09
C2 URC B . -6.39 6.76 -0.77
C6 URC B . -5.20 8.40 0.64
N3 URC B . -5.20 6.16 -1.09
O11 URC B . -7.43 6.31 -1.24
C4 URC B . -4.05 6.63 -0.60
C5 URC B . -4.01 7.74 0.27
N9 URC B . -2.76 6.19 -0.74
O13 URC B . -5.26 9.38 1.39
N7 URC B . -2.70 7.95 0.60
C8 URC B . -1.93 7.01 -0.04
O24 URC B . -0.71 6.91 0.03
C1 EDO C . 12.39 5.71 -10.77
O1 EDO C . 13.32 5.17 -11.67
C2 EDO C . 11.26 4.79 -10.52
O2 EDO C . 10.93 3.98 -11.64
C1 EDO D . 4.04 -0.94 -22.85
O1 EDO D . 3.54 0.36 -23.06
C2 EDO D . 3.10 -2.00 -23.26
O2 EDO D . 2.91 -3.00 -22.26
C1 EDO E . 1.67 -8.86 -15.16
O1 EDO E . 1.55 -9.71 -14.05
C2 EDO E . 0.57 -7.89 -15.12
O2 EDO E . -0.48 -8.45 -14.36
C1 EDO F . -6.34 20.05 -6.34
O1 EDO F . -5.38 19.89 -5.29
C2 EDO F . -7.60 19.27 -6.16
O2 EDO F . -7.82 18.79 -4.84
#